data_2YO2
#
_entry.id   2YO2
#
_cell.length_a   48.630
_cell.length_b   48.630
_cell.length_c   366.000
_cell.angle_alpha   90.00
_cell.angle_beta   90.00
_cell.angle_gamma   120.00
#
_symmetry.space_group_name_H-M   'P 63 2 2'
#
loop_
_entity.id
_entity.type
_entity.pdbx_description
1 polymer 'GENERAL CONTROL PROTEIN GCN4, PUTATIVE INNER MEMBRANE PROTEIN'
2 water water
#
_entity_poly.entity_id   1
_entity_poly.type   'polypeptide(L)'
_entity_poly.pdbx_seq_one_letter_code
;MKQIEDKIEEILSKIYHIENEIARIKKLIYSLSQSVADRLGGGASVNSDGTVNAPLYEVGTGIYNNVGSALSALNTSITN
TEASVAGLAEDALLWDESISAFSASHTGNASKITNLAAGTLAADSTDAVNGSQMKQIEDKIEEILSKIYHIENEIARIKK
LIKLHHHHHH
;
_entity_poly.pdbx_strand_id   A
#
# COMPACT_ATOMS: atom_id res chain seq x y z
N GLN A 3 -40.42 60.15 -40.68
CA GLN A 3 -39.96 58.92 -39.99
C GLN A 3 -38.47 58.98 -39.62
N ILE A 4 -37.85 60.17 -39.65
CA ILE A 4 -36.41 60.30 -39.34
C ILE A 4 -36.06 60.42 -37.83
N GLU A 5 -36.84 61.20 -37.08
CA GLU A 5 -36.62 61.38 -35.65
C GLU A 5 -37.07 60.12 -34.89
N ASP A 6 -38.12 59.50 -35.42
CA ASP A 6 -38.61 58.21 -34.92
C ASP A 6 -37.53 57.13 -35.06
N LYS A 7 -36.91 57.06 -36.25
CA LYS A 7 -35.82 56.10 -36.52
C LYS A 7 -34.65 56.29 -35.55
N ILE A 8 -34.35 57.54 -35.20
CA ILE A 8 -33.34 57.83 -34.18
C ILE A 8 -33.80 57.34 -32.80
N GLU A 9 -35.06 57.65 -32.46
CA GLU A 9 -35.64 57.24 -31.19
C GLU A 9 -35.45 55.75 -30.92
N GLU A 10 -35.77 54.93 -31.92
CA GLU A 10 -35.64 53.47 -31.78
C GLU A 10 -34.19 52.98 -31.85
N ILE A 11 -33.34 53.66 -32.63
CA ILE A 11 -31.90 53.32 -32.65
C ILE A 11 -31.28 53.48 -31.26
N LEU A 12 -31.61 54.59 -30.60
CA LEU A 12 -31.15 54.83 -29.22
C LEU A 12 -31.72 53.81 -28.21
N SER A 13 -32.92 53.33 -28.47
CA SER A 13 -33.57 52.32 -27.62
C SER A 13 -33.00 50.91 -27.84
N LYS A 14 -32.65 50.61 -29.09
CA LYS A 14 -32.03 49.32 -29.44
C LYS A 14 -30.58 49.28 -28.98
N ILE A 15 -29.90 50.42 -29.08
CA ILE A 15 -28.56 50.54 -28.50
C ILE A 15 -28.59 50.34 -26.96
N TYR A 16 -29.62 50.89 -26.31
CA TYR A 16 -29.81 50.74 -24.86
C TYR A 16 -30.03 49.29 -24.43
N HIS A 17 -30.79 48.54 -25.23
CA HIS A 17 -31.00 47.10 -25.00
C HIS A 17 -29.70 46.29 -25.20
N ILE A 18 -28.89 46.69 -26.19
CA ILE A 18 -27.59 46.05 -26.44
C ILE A 18 -26.59 46.30 -25.31
N GLU A 19 -26.55 47.52 -24.78
CA GLU A 19 -25.69 47.84 -23.64
C GLU A 19 -26.06 47.02 -22.40
N ASN A 20 -27.37 46.84 -22.18
CA ASN A 20 -27.88 45.98 -21.09
C ASN A 20 -27.51 44.51 -21.26
N GLU A 21 -27.49 44.04 -22.52
CA GLU A 21 -27.10 42.67 -22.84
C GLU A 21 -25.62 42.45 -22.56
N ILE A 22 -24.80 43.41 -22.97
CA ILE A 22 -23.36 43.34 -22.75
C ILE A 22 -22.99 43.32 -21.25
N ALA A 23 -23.63 44.16 -20.45
CA ALA A 23 -23.42 44.18 -18.99
C ALA A 23 -23.88 42.86 -18.33
N ARG A 24 -24.87 42.22 -18.94
CA ARG A 24 -25.40 40.94 -18.46
C ARG A 24 -24.49 39.78 -18.85
N ILE A 25 -23.91 39.87 -20.05
CA ILE A 25 -22.97 38.90 -20.58
C ILE A 25 -21.64 38.94 -19.83
N LYS A 26 -21.13 40.14 -19.57
CA LYS A 26 -19.91 40.30 -18.76
C LYS A 26 -20.04 39.62 -17.40
N LYS A 27 -21.23 39.71 -16.81
CA LYS A 27 -21.49 39.15 -15.48
C LYS A 27 -21.74 37.62 -15.54
N LEU A 28 -22.24 37.14 -16.68
CA LEU A 28 -22.42 35.71 -16.94
C LEU A 28 -21.07 34.99 -17.02
N ILE A 29 -20.09 35.67 -17.59
CA ILE A 29 -18.75 35.14 -17.81
C ILE A 29 -17.96 34.98 -16.52
N TYR A 30 -18.04 35.98 -15.64
CA TYR A 30 -17.38 35.89 -14.35
CA TYR A 30 -17.41 35.93 -14.32
C TYR A 30 -18.10 34.91 -13.42
N SER A 31 -19.42 34.79 -13.56
CA SER A 31 -20.20 33.78 -12.81
C SER A 31 -19.84 32.37 -13.26
N LEU A 32 -19.77 32.15 -14.57
CA LEU A 32 -19.27 30.89 -15.13
C LEU A 32 -17.88 30.59 -14.59
N SER A 33 -17.01 31.58 -14.70
CA SER A 33 -15.61 31.45 -14.29
C SER A 33 -15.53 31.05 -12.80
N GLN A 34 -16.29 31.75 -11.97
CA GLN A 34 -16.35 31.45 -10.53
C GLN A 34 -16.83 30.02 -10.26
N SER A 35 -17.87 29.59 -10.96
CA SER A 35 -18.41 28.28 -10.72
C SER A 35 -17.38 27.19 -11.11
N VAL A 36 -16.62 27.42 -12.17
CA VAL A 36 -15.61 26.48 -12.60
C VAL A 36 -14.48 26.41 -11.56
N ALA A 37 -14.13 27.57 -11.00
CA ALA A 37 -13.11 27.64 -9.97
C ALA A 37 -13.55 26.85 -8.74
N ASP A 38 -14.82 27.03 -8.34
CA ASP A 38 -15.44 26.26 -7.25
C ASP A 38 -15.43 24.75 -7.49
N ARG A 39 -15.75 24.30 -8.71
CA ARG A 39 -15.81 22.87 -8.99
C ARG A 39 -14.40 22.22 -9.09
N LEU A 40 -13.40 22.98 -9.48
CA LEU A 40 -12.01 22.52 -9.43
C LEU A 40 -11.45 22.41 -8.02
N GLY A 41 -11.86 23.32 -7.13
CA GLY A 41 -11.32 23.38 -5.77
C GLY A 41 -9.81 23.66 -5.73
N GLY A 42 -9.14 23.17 -4.68
CA GLY A 42 -7.66 23.34 -4.46
C GLY A 42 -7.20 24.79 -4.49
N GLY A 43 -8.08 25.70 -4.08
CA GLY A 43 -7.80 27.13 -4.07
C GLY A 43 -7.91 27.84 -5.42
N ALA A 44 -8.38 27.15 -6.46
CA ALA A 44 -8.64 27.83 -7.73
C ALA A 44 -9.55 29.06 -7.47
N SER A 45 -9.22 30.19 -8.09
CA SER A 45 -9.98 31.44 -7.92
C SER A 45 -9.99 32.14 -9.27
N VAL A 46 -10.79 33.20 -9.38
CA VAL A 46 -10.89 33.94 -10.63
C VAL A 46 -9.97 35.14 -10.58
N ASN A 47 -9.12 35.23 -11.60
CA ASN A 47 -8.18 36.32 -11.75
C ASN A 47 -8.89 37.61 -12.16
N SER A 48 -8.22 38.75 -12.01
CA SER A 48 -8.77 40.05 -12.46
C SER A 48 -9.09 40.08 -13.96
N ASP A 49 -8.33 39.33 -14.76
CA ASP A 49 -8.54 39.28 -16.21
C ASP A 49 -9.65 38.30 -16.65
N GLY A 50 -10.35 37.70 -15.69
CA GLY A 50 -11.41 36.70 -16.01
C GLY A 50 -11.01 35.23 -16.17
N THR A 51 -9.71 34.93 -16.16
CA THR A 51 -9.27 33.53 -16.24
C THR A 51 -9.32 32.86 -14.87
N VAL A 52 -9.33 31.52 -14.87
CA VAL A 52 -9.31 30.73 -13.64
C VAL A 52 -7.84 30.50 -13.26
N ASN A 53 -7.43 31.03 -12.11
CA ASN A 53 -6.10 30.77 -11.54
C ASN A 53 -5.99 29.30 -11.18
N ALA A 54 -4.76 28.81 -11.16
CA ALA A 54 -4.51 27.38 -11.05
C ALA A 54 -4.85 26.85 -9.68
N PRO A 55 -5.44 25.64 -9.62
CA PRO A 55 -5.53 24.98 -8.31
C PRO A 55 -4.17 24.48 -7.84
N LEU A 56 -4.03 24.29 -6.52
CA LEU A 56 -2.87 23.65 -5.89
CA LEU A 56 -2.87 23.64 -5.92
C LEU A 56 -3.29 22.37 -5.15
N TYR A 57 -3.03 21.24 -5.77
CA TYR A 57 -3.49 19.95 -5.28
C TYR A 57 -2.26 19.24 -4.66
N GLU A 58 -2.39 18.83 -3.42
CA GLU A 58 -1.35 18.10 -2.76
C GLU A 58 -1.61 16.61 -2.93
N VAL A 59 -0.65 15.90 -3.52
CA VAL A 59 -0.68 14.45 -3.55
C VAL A 59 0.71 13.95 -3.15
N GLY A 60 0.78 13.18 -2.07
CA GLY A 60 2.05 12.65 -1.53
C GLY A 60 2.84 13.85 -1.07
N THR A 61 4.11 13.91 -1.47
CA THR A 61 4.98 15.01 -1.15
C THR A 61 5.05 16.14 -2.20
N GLY A 62 4.20 16.07 -3.22
CA GLY A 62 4.20 17.06 -4.28
C GLY A 62 2.93 17.90 -4.38
N ILE A 63 3.06 19.00 -5.11
CA ILE A 63 1.97 19.92 -5.40
C ILE A 63 1.83 19.93 -6.92
N TYR A 64 0.59 19.82 -7.39
CA TYR A 64 0.20 19.73 -8.85
C TYR A 64 -0.81 20.86 -9.21
N ASN A 65 -0.61 21.53 -10.34
CA ASN A 65 -1.30 22.76 -10.74
CA ASN A 65 -1.32 22.74 -10.68
C ASN A 65 -2.36 22.50 -11.77
N ASN A 66 -2.68 21.22 -11.98
CA ASN A 66 -3.71 20.79 -12.92
C ASN A 66 -4.20 19.38 -12.56
N VAL A 67 -5.38 19.03 -13.04
CA VAL A 67 -6.03 17.83 -12.57
C VAL A 67 -5.30 16.57 -13.05
N GLY A 68 -4.91 16.56 -14.31
CA GLY A 68 -4.22 15.45 -14.93
C GLY A 68 -2.96 15.03 -14.22
N SER A 69 -2.14 16.02 -13.82
CA SER A 69 -0.87 15.77 -13.14
C SER A 69 -1.13 15.20 -11.75
N ALA A 70 -2.20 15.64 -11.07
CA ALA A 70 -2.62 15.06 -9.79
C ALA A 70 -3.12 13.63 -9.92
N LEU A 71 -3.99 13.37 -10.90
CA LEU A 71 -4.46 12.02 -11.16
C LEU A 71 -3.29 11.04 -11.41
N SER A 72 -2.35 11.48 -12.25
CA SER A 72 -1.10 10.74 -12.57
CA SER A 72 -1.17 10.68 -12.53
C SER A 72 -0.32 10.41 -11.29
N ALA A 73 -0.25 11.36 -10.39
CA ALA A 73 0.56 11.23 -9.17
C ALA A 73 -0.12 10.21 -8.27
N LEU A 74 -1.45 10.24 -8.21
CA LEU A 74 -2.26 9.25 -7.46
C LEU A 74 -2.13 7.87 -8.06
N ASN A 75 -2.07 7.82 -9.39
CA ASN A 75 -1.85 6.53 -10.05
C ASN A 75 -0.50 5.91 -9.71
N THR A 76 0.54 6.73 -9.68
CA THR A 76 1.87 6.28 -9.33
C THR A 76 1.97 5.82 -7.85
N SER A 77 1.36 6.56 -6.93
CA SER A 77 1.31 6.15 -5.51
C SER A 77 0.66 4.76 -5.31
N ILE A 78 -0.46 4.56 -5.99
CA ILE A 78 -1.19 3.26 -5.90
C ILE A 78 -0.34 2.16 -6.51
N THR A 79 0.33 2.47 -7.63
CA THR A 79 1.30 1.56 -8.24
C THR A 79 2.42 1.13 -7.27
N ASN A 80 3.02 2.10 -6.62
CA ASN A 80 4.02 1.83 -5.61
C ASN A 80 3.53 1.01 -4.42
N THR A 81 2.28 1.25 -3.98
CA THR A 81 1.71 0.49 -2.87
C THR A 81 1.43 -0.96 -3.31
N GLU A 82 0.88 -1.14 -4.51
CA GLU A 82 0.73 -2.49 -5.11
C GLU A 82 2.07 -3.21 -5.20
N ALA A 83 3.16 -2.52 -5.63
CA ALA A 83 4.52 -3.13 -5.64
C ALA A 83 4.97 -3.61 -4.26
N SER A 84 4.64 -2.87 -3.20
CA SER A 84 4.97 -3.32 -1.82
C SER A 84 4.18 -4.55 -1.42
N VAL A 85 2.90 -4.54 -1.76
CA VAL A 85 2.01 -5.66 -1.52
C VAL A 85 2.49 -6.95 -2.23
N ALA A 86 2.82 -6.85 -3.50
CA ALA A 86 3.36 -8.00 -4.25
C ALA A 86 4.69 -8.53 -3.66
N GLY A 87 5.52 -7.62 -3.15
CA GLY A 87 6.72 -7.97 -2.41
C GLY A 87 6.43 -8.76 -1.15
N LEU A 88 5.50 -8.26 -0.34
CA LEU A 88 5.05 -9.01 0.79
C LEU A 88 4.52 -10.38 0.42
N ALA A 89 3.72 -10.43 -0.62
CA ALA A 89 3.12 -11.69 -1.03
C ALA A 89 4.16 -12.69 -1.48
N GLU A 90 5.28 -12.24 -2.07
CA GLU A 90 6.31 -13.20 -2.48
C GLU A 90 7.13 -13.71 -1.32
N ASP A 91 7.26 -12.89 -0.28
CA ASP A 91 8.15 -13.20 0.82
C ASP A 91 7.50 -13.68 2.11
N ALA A 92 6.18 -13.54 2.23
CA ALA A 92 5.49 -13.89 3.47
C ALA A 92 5.33 -15.40 3.59
N LEU A 93 5.42 -15.91 4.82
CA LEU A 93 5.13 -17.31 5.12
C LEU A 93 3.58 -17.39 5.28
N LEU A 94 2.95 -18.02 4.30
CA LEU A 94 1.51 -17.94 4.04
C LEU A 94 0.78 -19.27 4.23
N TRP A 95 -0.41 -19.16 4.80
CA TRP A 95 -1.43 -20.18 4.71
C TRP A 95 -1.72 -20.65 3.28
N ASP A 96 -1.61 -21.96 3.07
CA ASP A 96 -1.91 -22.59 1.79
C ASP A 96 -3.18 -23.37 1.96
N GLU A 97 -4.28 -22.89 1.36
CA GLU A 97 -5.57 -23.54 1.49
C GLU A 97 -5.60 -24.94 0.87
N SER A 98 -4.86 -25.13 -0.21
CA SER A 98 -4.84 -26.44 -0.85
C SER A 98 -4.31 -27.50 0.12
N ILE A 99 -3.36 -27.16 1.02
CA ILE A 99 -2.81 -28.18 1.94
C ILE A 99 -3.27 -28.04 3.43
N SER A 100 -4.18 -27.09 3.70
CA SER A 100 -4.63 -26.78 5.05
C SER A 100 -3.49 -26.60 6.09
N ALA A 101 -2.53 -25.74 5.76
CA ALA A 101 -1.38 -25.52 6.62
C ALA A 101 -0.63 -24.31 6.09
N PHE A 102 0.12 -23.66 6.98
CA PHE A 102 1.12 -22.67 6.56
C PHE A 102 2.23 -23.41 5.81
N SER A 103 2.77 -22.76 4.78
CA SER A 103 3.79 -23.36 3.88
C SER A 103 5.10 -22.58 3.91
N ALA A 104 6.17 -23.30 4.24
CA ALA A 104 7.51 -22.75 4.26
C ALA A 104 8.17 -23.02 2.91
N SER A 105 7.36 -23.22 1.88
CA SER A 105 7.86 -23.28 0.52
C SER A 105 8.33 -21.89 0.03
N HIS A 106 9.46 -21.84 -0.65
CA HIS A 106 9.89 -20.61 -1.27
C HIS A 106 10.54 -20.93 -2.59
N THR A 107 9.96 -20.36 -3.66
CA THR A 107 10.39 -20.58 -5.05
C THR A 107 10.52 -22.06 -5.35
N GLY A 108 9.49 -22.80 -4.94
CA GLY A 108 9.38 -24.23 -5.15
C GLY A 108 10.16 -25.14 -4.22
N ASN A 109 10.80 -24.61 -3.18
CA ASN A 109 11.63 -25.48 -2.34
C ASN A 109 11.18 -25.43 -0.92
N ALA A 110 11.20 -26.58 -0.23
CA ALA A 110 11.11 -26.54 1.23
C ALA A 110 12.28 -25.69 1.73
N SER A 111 11.99 -24.80 2.65
CA SER A 111 12.89 -23.83 3.20
C SER A 111 12.98 -23.89 4.72
N LYS A 112 14.09 -23.40 5.25
CA LYS A 112 14.27 -23.27 6.73
C LYS A 112 13.52 -22.11 7.30
N ILE A 113 13.20 -22.25 8.57
CA ILE A 113 12.87 -21.12 9.42
C ILE A 113 14.02 -21.02 10.42
N THR A 114 14.64 -19.84 10.54
CA THR A 114 15.81 -19.67 11.43
C THR A 114 15.52 -18.43 12.32
N ASN A 115 16.42 -18.14 13.26
CA ASN A 115 16.20 -17.06 14.28
C ASN A 115 14.98 -17.38 15.12
N LEU A 116 14.78 -18.68 15.37
CA LEU A 116 13.67 -19.20 16.18
C LEU A 116 14.16 -19.43 17.63
N ALA A 117 13.50 -18.79 18.59
CA ALA A 117 13.84 -18.91 20.01
C ALA A 117 13.29 -20.24 20.49
N ALA A 118 13.88 -20.80 21.54
CA ALA A 118 13.57 -22.16 21.98
C ALA A 118 12.10 -22.28 22.48
N GLY A 119 11.43 -23.36 22.12
CA GLY A 119 10.08 -23.58 22.56
C GLY A 119 10.05 -24.14 23.98
N THR A 120 9.05 -23.73 24.74
CA THR A 120 8.72 -24.43 26.01
C THR A 120 8.48 -25.94 25.77
N LEU A 121 9.18 -26.77 26.53
CA LEU A 121 8.98 -28.20 26.52
C LEU A 121 8.03 -28.63 27.66
N ALA A 122 6.75 -28.84 27.31
CA ALA A 122 5.73 -29.29 28.25
C ALA A 122 4.70 -30.06 27.44
N ALA A 123 3.93 -30.87 28.12
CA ALA A 123 3.00 -31.79 27.49
C ALA A 123 1.91 -31.05 26.75
N ASP A 124 1.64 -29.78 27.09
CA ASP A 124 0.69 -28.96 26.34
C ASP A 124 1.29 -27.71 25.66
N SER A 125 2.58 -27.71 25.34
CA SER A 125 3.21 -26.60 24.63
C SER A 125 2.90 -26.70 23.13
N THR A 126 2.44 -25.61 22.54
CA THR A 126 2.31 -25.48 21.08
C THR A 126 3.39 -24.60 20.49
N ASP A 127 4.52 -24.52 21.16
CA ASP A 127 5.67 -23.74 20.67
C ASP A 127 6.48 -24.61 19.70
N ALA A 128 6.99 -24.01 18.64
CA ALA A 128 7.96 -24.67 17.75
C ALA A 128 9.29 -24.90 18.48
N VAL A 129 10.01 -25.94 18.11
CA VAL A 129 11.30 -26.20 18.72
C VAL A 129 12.42 -26.05 17.72
N ASN A 130 13.61 -25.70 18.23
CA ASN A 130 14.75 -25.43 17.38
C ASN A 130 15.89 -26.47 17.43
N GLY A 131 16.91 -26.21 16.63
CA GLY A 131 17.99 -27.16 16.38
C GLY A 131 18.78 -27.36 17.67
N SER A 132 18.95 -26.31 18.45
CA SER A 132 19.71 -26.39 19.70
C SER A 132 19.05 -27.39 20.67
N GLN A 133 17.72 -27.37 20.70
CA GLN A 133 16.92 -28.25 21.57
C GLN A 133 17.00 -29.73 21.16
N MET A 134 16.93 -29.98 19.87
CA MET A 134 17.06 -31.31 19.31
C MET A 134 18.48 -31.88 19.46
N LYS A 135 19.50 -31.02 19.28
CA LYS A 135 20.90 -31.40 19.55
C LYS A 135 21.10 -31.89 20.99
N GLN A 136 20.54 -31.18 21.97
CA GLN A 136 20.61 -31.66 23.37
C GLN A 136 20.00 -33.06 23.55
N ILE A 137 18.90 -33.33 22.86
CA ILE A 137 18.35 -34.71 22.83
C ILE A 137 19.32 -35.71 22.22
N GLU A 138 19.90 -35.36 21.07
CA GLU A 138 20.85 -36.23 20.37
C GLU A 138 22.06 -36.55 21.21
N ASP A 139 22.49 -35.59 22.02
CA ASP A 139 23.62 -35.78 22.95
C ASP A 139 23.26 -36.79 24.06
N LYS A 140 22.04 -36.66 24.59
CA LYS A 140 21.55 -37.60 25.60
C LYS A 140 21.50 -39.02 25.05
N ILE A 141 21.05 -39.16 23.80
CA ILE A 141 20.98 -40.46 23.12
CA ILE A 141 20.98 -40.46 23.14
C ILE A 141 22.35 -41.13 22.96
N GLU A 142 23.36 -40.34 22.56
CA GLU A 142 24.75 -40.84 22.38
C GLU A 142 25.33 -41.34 23.70
N GLU A 143 24.99 -40.65 24.79
CA GLU A 143 25.41 -41.01 26.13
C GLU A 143 24.71 -42.29 26.59
N ILE A 144 23.46 -42.45 26.19
CA ILE A 144 22.71 -43.66 26.52
C ILE A 144 23.34 -44.85 25.81
N LEU A 145 23.68 -44.69 24.53
CA LEU A 145 24.30 -45.77 23.78
C LEU A 145 25.67 -46.18 24.31
N SER A 146 26.46 -45.23 24.82
CA SER A 146 27.75 -45.60 25.43
C SER A 146 27.55 -46.37 26.73
N LYS A 147 26.59 -45.98 27.55
CA LYS A 147 26.26 -46.78 28.75
C LYS A 147 25.84 -48.20 28.39
N ILE A 148 25.09 -48.35 27.29
CA ILE A 148 24.64 -49.67 26.87
C ILE A 148 25.82 -50.54 26.42
N TYR A 149 26.70 -49.97 25.60
CA TYR A 149 27.90 -50.67 25.15
C TYR A 149 28.78 -51.10 26.34
N HIS A 150 28.86 -50.25 27.37
CA HIS A 150 29.55 -50.62 28.62
C HIS A 150 28.84 -51.79 29.33
N ILE A 151 27.52 -51.80 29.31
CA ILE A 151 26.72 -52.87 29.89
C ILE A 151 26.91 -54.19 29.12
N GLU A 152 26.97 -54.12 27.79
CA GLU A 152 27.18 -55.31 26.96
C GLU A 152 28.55 -55.97 27.22
N ASN A 153 29.55 -55.14 27.47
CA ASN A 153 30.92 -55.60 27.74
C ASN A 153 31.05 -56.22 29.14
N GLU A 154 30.54 -55.51 30.15
CA GLU A 154 30.51 -56.04 31.52
C GLU A 154 29.75 -57.36 31.59
N ILE A 155 28.65 -57.46 30.85
CA ILE A 155 27.88 -58.69 30.74
C ILE A 155 28.69 -59.79 30.05
N ALA A 156 29.31 -59.48 28.92
CA ALA A 156 30.14 -60.44 28.17
C ALA A 156 31.26 -61.04 29.02
N ARG A 157 31.94 -60.19 29.78
CA ARG A 157 33.02 -60.64 30.69
C ARG A 157 32.53 -61.70 31.67
N ILE A 158 31.37 -61.45 32.29
CA ILE A 158 30.79 -62.38 33.26
C ILE A 158 30.14 -63.57 32.55
N LYS A 159 29.77 -63.36 31.28
CA LYS A 159 29.17 -64.41 30.44
C LYS A 159 30.15 -65.56 30.18
N LYS A 160 31.40 -65.23 29.87
CA LYS A 160 32.46 -66.24 29.68
C LYS A 160 33.03 -66.71 31.02
N LEU A 161 33.27 -65.75 31.93
CA LEU A 161 33.83 -66.06 33.25
C LEU A 161 32.79 -66.72 34.16
N ILE A 162 32.60 -68.03 33.97
CA ILE A 162 31.65 -68.81 34.75
C ILE A 162 32.11 -70.27 34.87
#